data_6YNC
#
_entry.id   6YNC
#
_cell.length_a   58.285
_cell.length_b   73.122
_cell.length_c   109.348
_cell.angle_alpha   90.000
_cell.angle_beta   90.000
_cell.angle_gamma   90.000
#
_symmetry.space_group_name_H-M   'P 21 21 21'
#
loop_
_entity.id
_entity.type
_entity.pdbx_description
1 polymer 'cAMP-dependent protein kinase catalytic subunit alpha'
2 polymer 'cAMP-dependent protein kinase inhibitor alpha'
3 non-polymer ~{N}-methylisoquinoline-5-sulfonamide
4 water water
#
loop_
_entity_poly.entity_id
_entity_poly.type
_entity_poly.pdbx_seq_one_letter_code
_entity_poly.pdbx_strand_id
1 'polypeptide(L)'
;GHMGNAAAAKKG(SEP)EQESVKEFLAKAKEEFLKKWESPSQNTAQLDHFDRIKTLGTGSFGRVMLVKHKETGNHYAMKI
LDKQKVVKLKQIEHTLNEKRILQAVNFPFLVKLEFSFKDNSNLYMVMEYVPGGEMFSHLRRIGRF(SEP)EPHARFYAAQ
IVLTFEYLHSLDLIYRDLKPENLLIDQQGYIQVTDFGFAKRVKGRTW(TPO)LCGTPEYLAPEIILSKGYNKAVDWWALG
VLIYEMAAGYPPFFADQPIQIYEKIVSGKVRFPSHFSSDLKDLLRNLLQVDLTKRFGNLKNGVNDIKNHKWFATTDWIAI
YQRKVEAPFIPKFKGPGDTSNFDDYEEEEIRV(SEP)INEKCGKEFTEF
;
A
2 'polypeptide(L)' IAAGRTGRRQAIHDILVAA B
#
loop_
_chem_comp.id
_chem_comp.type
_chem_comp.name
_chem_comp.formula
7CT non-polymer ~{N}-methylisoquinoline-5-sulfonamide 'C10 H10 N2 O2 S'
#
# COMPACT_ATOMS: atom_id res chain seq x y z
N GLY A 1 3.95 6.59 36.77
CA GLY A 1 3.54 5.91 35.52
C GLY A 1 4.73 5.73 34.59
N HIS A 2 4.46 5.32 33.35
CA HIS A 2 5.56 5.10 32.40
C HIS A 2 6.23 6.42 32.00
N MET A 3 5.46 7.48 31.79
CA MET A 3 6.01 8.78 31.41
C MET A 3 6.00 9.73 32.59
N GLY A 4 7.06 10.50 32.74
CA GLY A 4 7.05 11.62 33.64
C GLY A 4 6.23 12.76 33.06
N ASN A 5 6.10 13.82 33.87
CA ASN A 5 5.23 14.95 33.54
C ASN A 5 5.57 15.55 32.17
N ALA A 6 6.83 15.91 31.96
CA ALA A 6 7.20 16.56 30.71
C ALA A 6 6.89 15.68 29.51
N ALA A 7 7.25 14.40 29.61
CA ALA A 7 7.04 13.51 28.47
C ALA A 7 5.56 13.31 28.19
N ALA A 8 4.73 13.18 29.23
CA ALA A 8 3.31 12.97 29.01
C ALA A 8 2.66 14.19 28.36
N ALA A 9 3.03 15.39 28.80
CA ALA A 9 2.45 16.59 28.21
C ALA A 9 2.89 16.76 26.77
N LYS A 10 4.15 16.45 26.48
CA LYS A 10 4.64 16.54 25.11
C LYS A 10 3.87 15.57 24.21
N LYS A 11 3.69 14.33 24.67
CA LYS A 11 2.98 13.34 23.88
C LYS A 11 1.52 13.74 23.67
N GLY A 12 0.86 14.23 24.72
CA GLY A 12 -0.53 14.65 24.59
C GLY A 12 -0.70 15.76 23.56
N SEP A 13 0.19 16.76 23.64
CA SEP A 13 0.14 17.86 22.69
CB SEP A 13 1.16 18.94 23.11
OG SEP A 13 1.29 19.89 22.06
C SEP A 13 0.40 17.36 21.26
O SEP A 13 -0.28 17.79 20.33
P SEP A 13 1.54 21.42 22.50
O1P SEP A 13 2.80 21.47 23.49
O2P SEP A 13 1.80 22.16 21.11
O3P SEP A 13 0.25 21.99 23.25
N GLU A 14 1.36 16.45 21.08
CA GLU A 14 1.64 15.85 19.77
C GLU A 14 0.41 15.16 19.21
N GLN A 15 -0.31 14.44 20.07
CA GLN A 15 -1.49 13.71 19.60
C GLN A 15 -2.61 14.67 19.22
N GLU A 16 -2.78 15.75 19.97
CA GLU A 16 -3.76 16.77 19.60
C GLU A 16 -3.39 17.43 18.28
N SER A 17 -2.10 17.69 18.06
N SER A 17 -2.10 17.68 18.07
CA SER A 17 -1.69 18.26 16.78
CA SER A 17 -1.63 18.23 16.79
C SER A 17 -1.95 17.31 15.62
C SER A 17 -1.97 17.30 15.64
N VAL A 18 -1.84 15.99 15.84
CA VAL A 18 -2.21 15.04 14.78
C VAL A 18 -3.68 15.20 14.46
N LYS A 19 -4.52 15.35 15.49
CA LYS A 19 -5.95 15.51 15.26
C LYS A 19 -6.23 16.75 14.42
N GLU A 20 -5.53 17.84 14.73
CA GLU A 20 -5.69 19.08 13.98
C GLU A 20 -5.24 18.90 12.52
N PHE A 21 -4.11 18.24 12.31
CA PHE A 21 -3.67 17.94 10.96
C PHE A 21 -4.72 17.11 10.21
N LEU A 22 -5.23 16.07 10.85
CA LEU A 22 -6.14 15.18 10.15
C LEU A 22 -7.46 15.87 9.81
N ALA A 23 -7.92 16.78 10.68
CA ALA A 23 -9.14 17.50 10.36
C ALA A 23 -8.97 18.36 9.12
N LYS A 24 -7.82 19.04 9.00
CA LYS A 24 -7.55 19.82 7.78
C LYS A 24 -7.43 18.92 6.57
N ALA A 25 -6.76 17.77 6.72
CA ALA A 25 -6.58 16.85 5.61
C ALA A 25 -7.91 16.33 5.10
N LYS A 26 -8.86 16.11 6.01
CA LYS A 26 -10.19 15.67 5.60
C LYS A 26 -10.90 16.75 4.81
N GLU A 27 -10.80 18.00 5.25
CA GLU A 27 -11.40 19.09 4.51
C GLU A 27 -10.86 19.14 3.09
N GLU A 28 -9.54 19.01 2.95
CA GLU A 28 -8.91 19.07 1.62
C GLU A 28 -9.36 17.88 0.76
N PHE A 29 -9.36 16.68 1.34
CA PHE A 29 -9.78 15.49 0.61
C PHE A 29 -11.22 15.63 0.11
N LEU A 30 -12.12 16.08 0.98
CA LEU A 30 -13.52 16.13 0.57
C LEU A 30 -13.74 17.15 -0.53
N LYS A 31 -13.02 18.27 -0.48
CA LYS A 31 -13.13 19.24 -1.56
C LYS A 31 -12.73 18.62 -2.89
N LYS A 32 -11.62 17.87 -2.91
CA LYS A 32 -11.20 17.19 -4.14
C LYS A 32 -12.16 16.06 -4.51
N TRP A 33 -12.67 15.32 -3.52
CA TRP A 33 -13.60 14.23 -3.76
C TRP A 33 -14.84 14.73 -4.49
N GLU A 34 -15.27 15.96 -4.18
CA GLU A 34 -16.48 16.54 -4.74
C GLU A 34 -16.25 17.31 -6.03
N SER A 35 -15.09 17.94 -6.20
CA SER A 35 -14.79 18.72 -7.40
C SER A 35 -13.40 18.37 -7.91
N PRO A 36 -13.25 17.19 -8.54
CA PRO A 36 -11.97 16.79 -9.13
C PRO A 36 -11.44 17.79 -10.16
N THR A 40 -7.37 14.13 -18.71
CA THR A 40 -6.38 15.18 -18.57
C THR A 40 -5.16 14.96 -19.48
N ALA A 41 -5.18 13.92 -20.32
CA ALA A 41 -4.12 13.68 -21.31
C ALA A 41 -4.64 12.69 -22.35
N GLN A 42 -3.76 12.29 -23.27
CA GLN A 42 -4.10 11.24 -24.22
C GLN A 42 -2.85 10.43 -24.55
N LEU A 43 -3.06 9.25 -25.12
CA LEU A 43 -1.96 8.29 -25.26
C LEU A 43 -0.82 8.85 -26.10
N ASP A 44 -1.14 9.48 -27.24
CA ASP A 44 -0.06 9.93 -28.13
C ASP A 44 0.74 11.08 -27.55
N HIS A 45 0.45 11.52 -26.32
CA HIS A 45 1.31 12.48 -25.64
C HIS A 45 2.56 11.84 -25.05
N PHE A 46 2.69 10.51 -25.05
CA PHE A 46 3.77 9.83 -24.37
C PHE A 46 4.45 8.83 -25.31
N ASP A 47 5.76 8.67 -25.12
CA ASP A 47 6.49 7.55 -25.66
C ASP A 47 6.54 6.43 -24.63
N ARG A 48 6.21 5.21 -25.07
CA ARG A 48 6.28 4.06 -24.18
C ARG A 48 7.68 3.48 -24.26
N ILE A 49 8.31 3.28 -23.09
CA ILE A 49 9.70 2.87 -22.99
C ILE A 49 9.84 1.40 -22.63
N LYS A 50 9.26 0.98 -21.50
CA LYS A 50 9.57 -0.32 -20.96
C LYS A 50 8.52 -0.68 -19.92
N THR A 51 8.19 -1.96 -19.84
CA THR A 51 7.29 -2.43 -18.78
C THR A 51 8.03 -2.54 -17.44
N LEU A 52 7.46 -1.90 -16.42
CA LEU A 52 7.99 -1.89 -15.06
C LEU A 52 7.38 -2.97 -14.16
N GLY A 53 6.16 -3.39 -14.45
CA GLY A 53 5.48 -4.38 -13.63
C GLY A 53 4.20 -4.80 -14.32
N THR A 54 3.70 -5.97 -13.94
CA THR A 54 2.45 -6.48 -14.47
C THR A 54 1.48 -6.79 -13.34
N GLY A 55 0.24 -7.05 -13.72
CA GLY A 55 -0.81 -7.35 -12.79
C GLY A 55 -1.96 -8.01 -13.50
N SER A 56 -3.06 -8.17 -12.77
CA SER A 56 -4.21 -8.89 -13.31
C SER A 56 -4.79 -8.17 -14.53
N PHE A 57 -5.25 -6.93 -14.33
CA PHE A 57 -5.94 -6.22 -15.41
C PHE A 57 -5.00 -5.66 -16.47
N GLY A 58 -3.71 -5.50 -16.14
CA GLY A 58 -2.77 -5.01 -17.13
C GLY A 58 -1.36 -4.82 -16.62
N ARG A 59 -0.69 -3.76 -17.09
CA ARG A 59 0.71 -3.56 -16.83
C ARG A 59 0.97 -2.10 -16.50
N VAL A 60 2.15 -1.84 -15.98
CA VAL A 60 2.61 -0.48 -15.74
C VAL A 60 3.86 -0.29 -16.58
N MET A 61 3.91 0.78 -17.35
CA MET A 61 5.02 1.05 -18.25
C MET A 61 5.68 2.36 -17.88
N LEU A 62 7.01 2.39 -18.00
CA LEU A 62 7.71 3.67 -18.00
C LEU A 62 7.38 4.38 -19.30
N VAL A 63 6.95 5.63 -19.20
CA VAL A 63 6.67 6.45 -20.37
C VAL A 63 7.41 7.78 -20.23
N LYS A 64 7.63 8.43 -21.37
CA LYS A 64 8.24 9.76 -21.40
C LYS A 64 7.25 10.71 -22.06
N HIS A 65 6.91 11.78 -21.35
CA HIS A 65 6.03 12.80 -21.90
C HIS A 65 6.75 13.56 -23.01
N LYS A 66 6.10 13.65 -24.17
CA LYS A 66 6.77 14.22 -25.34
C LYS A 66 7.13 15.68 -25.14
N GLU A 67 6.19 16.49 -24.66
CA GLU A 67 6.44 17.92 -24.59
C GLU A 67 7.51 18.26 -23.55
N THR A 68 7.35 17.75 -22.33
CA THR A 68 8.24 18.13 -21.23
C THR A 68 9.47 17.24 -21.10
N GLY A 69 9.42 16.02 -21.63
CA GLY A 69 10.47 15.07 -21.40
C GLY A 69 10.46 14.41 -20.03
N ASN A 70 9.47 14.69 -19.19
CA ASN A 70 9.36 14.03 -17.90
C ASN A 70 8.96 12.58 -18.06
N HIS A 71 9.47 11.75 -17.17
CA HIS A 71 9.13 10.34 -17.13
C HIS A 71 8.04 10.08 -16.11
N TYR A 72 7.20 9.09 -16.40
CA TYR A 72 6.08 8.70 -15.55
C TYR A 72 5.89 7.19 -15.62
N ALA A 73 5.12 6.67 -14.68
CA ALA A 73 4.68 5.27 -14.69
C ALA A 73 3.20 5.25 -15.07
N MET A 74 2.90 4.61 -16.21
CA MET A 74 1.54 4.58 -16.78
C MET A 74 0.95 3.21 -16.57
N LYS A 75 -0.11 3.13 -15.75
CA LYS A 75 -0.85 1.90 -15.57
C LYS A 75 -1.92 1.79 -16.65
N ILE A 76 -1.94 0.64 -17.33
CA ILE A 76 -2.83 0.38 -18.46
C ILE A 76 -3.76 -0.76 -18.08
N LEU A 77 -5.06 -0.52 -18.13
CA LEU A 77 -6.06 -1.55 -17.82
C LEU A 77 -6.93 -1.79 -19.04
N ASP A 78 -7.14 -3.07 -19.36
CA ASP A 78 -8.00 -3.45 -20.48
C ASP A 78 -9.45 -3.49 -20.00
N LYS A 79 -10.31 -2.65 -20.59
CA LYS A 79 -11.68 -2.55 -20.10
C LYS A 79 -12.38 -3.90 -20.11
N GLN A 80 -12.24 -4.66 -21.20
CA GLN A 80 -12.93 -5.93 -21.30
C GLN A 80 -12.52 -6.87 -20.17
N LYS A 81 -11.23 -6.85 -19.80
CA LYS A 81 -10.76 -7.71 -18.72
C LYS A 81 -11.30 -7.24 -17.38
N VAL A 82 -11.41 -5.92 -17.20
CA VAL A 82 -11.93 -5.40 -15.95
C VAL A 82 -13.38 -5.82 -15.74
N VAL A 83 -14.17 -5.79 -16.80
CA VAL A 83 -15.58 -6.18 -16.70
C VAL A 83 -15.70 -7.66 -16.41
N LYS A 84 -14.93 -8.48 -17.13
CA LYS A 84 -15.02 -9.93 -16.94
C LYS A 84 -14.71 -10.31 -15.50
N LEU A 85 -13.80 -9.60 -14.86
CA LEU A 85 -13.40 -9.89 -13.49
C LEU A 85 -14.21 -9.11 -12.46
N LYS A 86 -15.25 -8.40 -12.90
CA LYS A 86 -16.13 -7.65 -12.00
C LYS A 86 -15.34 -6.64 -11.16
N GLN A 87 -14.40 -5.94 -11.80
CA GLN A 87 -13.55 -4.95 -11.14
C GLN A 87 -13.92 -3.54 -11.54
N ILE A 88 -15.10 -3.34 -12.11
CA ILE A 88 -15.49 -2.01 -12.58
C ILE A 88 -15.46 -1.02 -11.42
N GLU A 89 -16.21 -1.30 -10.35
CA GLU A 89 -16.27 -0.34 -9.24
C GLU A 89 -14.91 -0.19 -8.56
N HIS A 90 -14.15 -1.28 -8.46
CA HIS A 90 -12.81 -1.17 -7.86
C HIS A 90 -11.93 -0.22 -8.67
N THR A 91 -12.00 -0.31 -9.99
CA THR A 91 -11.17 0.53 -10.84
C THR A 91 -11.61 1.98 -10.76
N LEU A 92 -12.93 2.21 -10.66
CA LEU A 92 -13.42 3.56 -10.44
C LEU A 92 -12.98 4.09 -9.08
N ASN A 93 -13.03 3.25 -8.05
CA ASN A 93 -12.53 3.63 -6.72
C ASN A 93 -11.07 4.05 -6.79
N GLU A 94 -10.26 3.23 -7.47
CA GLU A 94 -8.82 3.45 -7.53
C GLU A 94 -8.50 4.84 -8.06
N LYS A 95 -9.08 5.19 -9.20
CA LYS A 95 -8.80 6.47 -9.80
C LYS A 95 -9.35 7.61 -8.96
N ARG A 96 -10.59 7.48 -8.47
CA ARG A 96 -11.20 8.57 -7.71
C ARG A 96 -10.43 8.83 -6.41
N ILE A 97 -10.02 7.76 -5.72
CA ILE A 97 -9.29 7.95 -4.49
C ILE A 97 -7.90 8.54 -4.76
N LEU A 98 -7.19 7.99 -5.74
CA LEU A 98 -5.86 8.49 -6.02
C LEU A 98 -5.88 9.95 -6.40
N GLN A 99 -6.94 10.39 -7.10
N GLN A 99 -6.92 10.38 -7.13
CA GLN A 99 -7.07 11.78 -7.53
CA GLN A 99 -7.04 11.80 -7.50
C GLN A 99 -7.24 12.72 -6.35
C GLN A 99 -7.09 12.68 -6.27
N ALA A 100 -7.78 12.23 -5.23
CA ALA A 100 -8.20 13.10 -4.14
C ALA A 100 -7.28 13.10 -2.94
N VAL A 101 -6.41 12.09 -2.76
CA VAL A 101 -5.54 12.02 -1.59
C VAL A 101 -4.28 12.82 -1.82
N ASN A 102 -3.59 13.11 -0.71
CA ASN A 102 -2.33 13.85 -0.75
C ASN A 102 -1.58 13.50 0.53
N PHE A 103 -0.47 12.78 0.41
CA PHE A 103 0.32 12.41 1.58
C PHE A 103 1.71 12.07 1.08
N PRO A 104 2.77 12.28 1.89
CA PRO A 104 4.13 12.16 1.33
C PRO A 104 4.52 10.77 0.89
N PHE A 105 3.82 9.73 1.37
CA PHE A 105 4.14 8.34 1.08
C PHE A 105 3.12 7.69 0.17
N LEU A 106 2.24 8.47 -0.44
CA LEU A 106 1.26 7.97 -1.40
C LEU A 106 1.65 8.45 -2.80
N VAL A 107 1.76 7.53 -3.76
CA VAL A 107 2.16 7.91 -5.11
C VAL A 107 1.18 8.93 -5.67
N LYS A 108 1.71 9.89 -6.43
CA LYS A 108 0.91 10.97 -6.99
C LYS A 108 0.45 10.65 -8.40
N LEU A 109 -0.85 10.75 -8.63
CA LEU A 109 -1.46 10.61 -9.94
C LEU A 109 -1.38 11.95 -10.65
N GLU A 110 -0.80 11.95 -11.85
CA GLU A 110 -0.63 13.15 -12.63
C GLU A 110 -1.67 13.30 -13.75
N PHE A 111 -2.05 12.20 -14.41
CA PHE A 111 -3.06 12.25 -15.46
C PHE A 111 -3.88 10.98 -15.46
N SER A 112 -5.09 11.05 -16.00
CA SER A 112 -5.88 9.86 -16.26
C SER A 112 -6.74 10.09 -17.50
N PHE A 113 -6.99 9.02 -18.24
CA PHE A 113 -7.77 9.10 -19.49
C PHE A 113 -8.13 7.69 -19.92
N LYS A 114 -8.93 7.61 -20.99
CA LYS A 114 -9.37 6.32 -21.51
C LYS A 114 -9.49 6.43 -23.03
N ASP A 115 -9.54 5.28 -23.69
CA ASP A 115 -9.75 5.23 -25.14
C ASP A 115 -10.71 4.08 -25.43
N ASN A 116 -10.79 3.66 -26.69
CA ASN A 116 -11.75 2.61 -27.05
C ASN A 116 -11.52 1.33 -26.27
N SER A 117 -10.27 1.01 -25.93
CA SER A 117 -9.95 -0.29 -25.35
C SER A 117 -9.52 -0.24 -23.89
N ASN A 118 -8.85 0.82 -23.46
CA ASN A 118 -8.13 0.80 -22.19
C ASN A 118 -8.47 1.99 -21.31
N LEU A 119 -8.15 1.82 -20.02
CA LEU A 119 -8.08 2.90 -19.04
C LEU A 119 -6.61 3.16 -18.72
N TYR A 120 -6.27 4.42 -18.48
CA TYR A 120 -4.88 4.78 -18.22
C TYR A 120 -4.78 5.67 -16.99
N MET A 121 -3.80 5.37 -16.12
CA MET A 121 -3.49 6.19 -14.97
C MET A 121 -1.99 6.47 -14.98
N VAL A 122 -1.62 7.74 -15.08
CA VAL A 122 -0.24 8.16 -15.22
C VAL A 122 0.21 8.74 -13.89
N MET A 123 1.20 8.09 -13.25
CA MET A 123 1.68 8.42 -11.92
C MET A 123 3.15 8.81 -11.96
N GLU A 124 3.60 9.45 -10.87
N GLU A 124 3.59 9.45 -10.87
CA GLU A 124 5.01 9.74 -10.75
CA GLU A 124 5.01 9.72 -10.68
C GLU A 124 5.82 8.45 -10.79
C GLU A 124 5.79 8.42 -10.81
N TYR A 125 6.93 8.49 -11.51
CA TYR A 125 7.83 7.35 -11.61
C TYR A 125 8.74 7.33 -10.39
N VAL A 126 8.78 6.18 -9.71
CA VAL A 126 9.58 6.01 -8.50
C VAL A 126 10.72 5.07 -8.86
N PRO A 127 11.93 5.57 -9.09
CA PRO A 127 12.96 4.78 -9.76
C PRO A 127 13.73 3.79 -8.89
N GLY A 128 13.57 3.83 -7.57
CA GLY A 128 14.34 2.97 -6.69
C GLY A 128 13.93 1.52 -6.67
N GLY A 129 12.81 1.17 -7.29
CA GLY A 129 12.36 -0.20 -7.35
C GLY A 129 11.45 -0.59 -6.19
N GLU A 130 10.91 -1.80 -6.29
CA GLU A 130 10.00 -2.34 -5.29
C GLU A 130 10.76 -2.77 -4.05
N MET A 131 10.15 -2.52 -2.89
CA MET A 131 10.69 -3.09 -1.66
C MET A 131 10.86 -4.59 -1.81
N PHE A 132 9.89 -5.24 -2.47
CA PHE A 132 9.94 -6.69 -2.72
C PHE A 132 11.30 -7.15 -3.22
N SER A 133 11.80 -6.51 -4.28
N SER A 133 11.84 -6.51 -4.26
CA SER A 133 13.08 -6.88 -4.89
CA SER A 133 13.07 -7.03 -4.82
C SER A 133 14.20 -6.75 -3.88
C SER A 133 14.29 -6.73 -3.95
N HIS A 134 14.28 -5.60 -3.24
CA HIS A 134 15.35 -5.33 -2.28
C HIS A 134 15.33 -6.35 -1.14
N LEU A 135 14.13 -6.68 -0.65
CA LEU A 135 13.96 -7.62 0.44
C LEU A 135 14.36 -9.03 0.02
N ARG A 136 13.93 -9.48 -1.17
CA ARG A 136 14.32 -10.81 -1.60
C ARG A 136 15.82 -10.91 -1.84
N ARG A 137 16.45 -9.83 -2.29
CA ARG A 137 17.88 -9.84 -2.57
C ARG A 137 18.70 -9.91 -1.29
N ILE A 138 18.34 -9.10 -0.29
CA ILE A 138 19.12 -9.05 0.95
C ILE A 138 18.72 -10.17 1.91
N GLY A 139 17.53 -10.75 1.76
CA GLY A 139 17.04 -11.78 2.64
C GLY A 139 16.05 -11.22 3.63
N ARG A 140 16.54 -10.43 4.58
N ARG A 140 16.53 -10.42 4.57
CA ARG A 140 15.69 -9.77 5.56
CA ARG A 140 15.66 -9.76 5.54
C ARG A 140 16.29 -8.41 5.88
C ARG A 140 16.30 -8.44 5.94
N PHE A 141 15.45 -7.52 6.43
CA PHE A 141 15.90 -6.23 6.93
C PHE A 141 16.12 -6.34 8.43
N SEP A 142 17.12 -5.63 8.95
CA SEP A 142 17.31 -5.55 10.39
CB SEP A 142 18.61 -4.82 10.70
OG SEP A 142 18.44 -3.45 10.42
C SEP A 142 16.11 -4.82 11.01
O SEP A 142 15.36 -4.14 10.31
P SEP A 142 19.82 -2.62 10.37
O1P SEP A 142 20.69 -2.92 11.67
O2P SEP A 142 19.35 -1.09 10.35
O3P SEP A 142 20.56 -3.00 9.01
N GLU A 143 15.90 -4.97 12.31
CA GLU A 143 14.75 -4.33 12.92
C GLU A 143 14.69 -2.80 12.73
N PRO A 144 15.81 -2.09 12.89
CA PRO A 144 15.73 -0.64 12.65
C PRO A 144 15.35 -0.30 11.21
N HIS A 145 15.84 -1.07 10.25
CA HIS A 145 15.53 -0.85 8.85
C HIS A 145 14.04 -1.13 8.58
N ALA A 146 13.54 -2.26 9.07
CA ALA A 146 12.12 -2.57 8.96
C ALA A 146 11.26 -1.51 9.65
N ARG A 147 11.70 -1.04 10.82
CA ARG A 147 10.96 -0.05 11.58
C ARG A 147 10.80 1.26 10.82
N PHE A 148 11.86 1.70 10.13
CA PHE A 148 11.80 2.92 9.33
C PHE A 148 10.67 2.84 8.30
N TYR A 149 10.57 1.72 7.58
CA TYR A 149 9.50 1.56 6.62
C TYR A 149 8.14 1.42 7.31
N ALA A 150 8.08 0.60 8.37
CA ALA A 150 6.83 0.40 9.09
C ALA A 150 6.23 1.71 9.56
N ALA A 151 7.07 2.64 10.05
CA ALA A 151 6.55 3.89 10.57
C ALA A 151 5.82 4.67 9.49
N GLN A 152 6.35 4.63 8.26
CA GLN A 152 5.71 5.33 7.15
C GLN A 152 4.35 4.72 6.85
N ILE A 153 4.24 3.39 6.92
CA ILE A 153 2.95 2.75 6.71
C ILE A 153 1.96 3.12 7.81
N VAL A 154 2.41 3.13 9.08
CA VAL A 154 1.53 3.52 10.18
C VAL A 154 0.95 4.91 9.93
N LEU A 155 1.80 5.87 9.57
CA LEU A 155 1.32 7.22 9.32
C LEU A 155 0.38 7.26 8.13
N THR A 156 0.70 6.49 7.08
CA THR A 156 -0.14 6.47 5.89
C THR A 156 -1.52 5.91 6.21
N PHE A 157 -1.58 4.82 6.98
CA PHE A 157 -2.87 4.26 7.36
C PHE A 157 -3.62 5.18 8.32
N GLU A 158 -2.91 5.85 9.24
CA GLU A 158 -3.59 6.84 10.08
C GLU A 158 -4.29 7.90 9.22
N TYR A 159 -3.60 8.38 8.19
CA TYR A 159 -4.18 9.33 7.24
C TYR A 159 -5.37 8.72 6.50
N LEU A 160 -5.16 7.58 5.85
CA LEU A 160 -6.23 7.01 5.04
C LEU A 160 -7.46 6.70 5.89
N HIS A 161 -7.25 6.06 7.04
CA HIS A 161 -8.40 5.65 7.84
C HIS A 161 -9.16 6.87 8.37
N SER A 162 -8.46 7.98 8.62
N SER A 162 -8.46 7.98 8.64
CA SER A 162 -9.13 9.18 9.07
CA SER A 162 -9.17 9.18 9.10
C SER A 162 -10.11 9.70 8.02
C SER A 162 -10.09 9.74 8.01
N LEU A 163 -9.83 9.41 6.75
CA LEU A 163 -10.68 9.79 5.63
C LEU A 163 -11.71 8.73 5.30
N ASP A 164 -11.81 7.69 6.14
CA ASP A 164 -12.70 6.56 5.92
C ASP A 164 -12.33 5.79 4.67
N LEU A 165 -11.04 5.70 4.40
CA LEU A 165 -10.50 4.91 3.31
C LEU A 165 -9.80 3.67 3.85
N ILE A 166 -10.20 2.50 3.36
N ILE A 166 -10.12 2.52 3.26
CA ILE A 166 -9.44 1.27 3.62
CA ILE A 166 -9.51 1.23 3.57
C ILE A 166 -8.55 1.05 2.41
C ILE A 166 -8.62 0.87 2.38
N TYR A 167 -7.39 0.42 2.64
CA TYR A 167 -6.39 0.23 1.60
C TYR A 167 -6.47 -1.16 0.95
N ARG A 168 -6.37 -2.21 1.76
CA ARG A 168 -6.69 -3.59 1.37
C ARG A 168 -5.70 -4.27 0.43
N ASP A 169 -4.50 -3.76 0.21
CA ASP A 169 -3.52 -4.55 -0.55
C ASP A 169 -2.09 -4.21 -0.15
N LEU A 170 -1.83 -4.11 1.13
CA LEU A 170 -0.47 -3.93 1.57
C LEU A 170 0.36 -5.17 1.28
N LYS A 171 1.55 -4.96 0.70
CA LYS A 171 2.54 -6.01 0.48
C LYS A 171 3.79 -5.35 -0.09
N PRO A 172 4.96 -5.97 0.04
CA PRO A 172 6.18 -5.35 -0.50
C PRO A 172 6.16 -5.07 -1.99
N GLU A 173 5.40 -5.85 -2.76
CA GLU A 173 5.30 -5.62 -4.21
C GLU A 173 4.71 -4.25 -4.52
N ASN A 174 3.92 -3.68 -3.61
CA ASN A 174 3.19 -2.43 -3.83
C ASN A 174 3.87 -1.24 -3.17
N LEU A 175 5.06 -1.41 -2.64
CA LEU A 175 5.79 -0.37 -1.94
C LEU A 175 7.07 -0.09 -2.70
N LEU A 176 7.22 1.12 -3.20
N LEU A 176 7.21 1.12 -3.21
CA LEU A 176 8.39 1.50 -3.99
CA LEU A 176 8.38 1.53 -3.96
C LEU A 176 9.28 2.43 -3.19
C LEU A 176 9.30 2.33 -3.07
N ILE A 177 10.58 2.33 -3.43
CA ILE A 177 11.59 3.12 -2.71
C ILE A 177 11.96 4.31 -3.58
N ASP A 178 11.81 5.50 -3.03
CA ASP A 178 12.07 6.72 -3.77
C ASP A 178 13.55 7.11 -3.66
N GLN A 179 13.91 8.23 -4.31
CA GLN A 179 15.31 8.61 -4.39
C GLN A 179 15.93 8.96 -3.05
N GLN A 180 15.12 9.32 -2.04
CA GLN A 180 15.61 9.58 -0.70
C GLN A 180 15.50 8.36 0.22
N GLY A 181 15.10 7.20 -0.30
CA GLY A 181 14.96 6.02 0.51
C GLY A 181 13.65 5.86 1.23
N TYR A 182 12.68 6.74 0.99
CA TYR A 182 11.37 6.66 1.60
C TYR A 182 10.42 5.85 0.71
N ILE A 183 9.32 5.42 1.32
CA ILE A 183 8.32 4.55 0.67
C ILE A 183 7.30 5.36 -0.08
N GLN A 184 6.88 4.80 -1.21
CA GLN A 184 5.70 5.24 -1.95
C GLN A 184 4.75 4.06 -2.09
N VAL A 185 3.52 4.23 -1.60
CA VAL A 185 2.47 3.23 -1.73
C VAL A 185 1.82 3.41 -3.10
N THR A 186 1.75 2.31 -3.84
CA THR A 186 1.13 2.26 -5.14
C THR A 186 0.00 1.21 -5.06
N ASP A 187 -0.81 1.17 -6.07
CA ASP A 187 -1.86 0.19 -6.20
C ASP A 187 -3.01 0.43 -5.24
N PHE A 188 -3.90 1.31 -5.66
CA PHE A 188 -5.14 1.59 -4.95
C PHE A 188 -6.30 0.80 -5.53
N GLY A 189 -6.01 -0.32 -6.22
CA GLY A 189 -7.05 -1.10 -6.87
C GLY A 189 -8.14 -1.63 -5.94
N PHE A 190 -7.84 -1.84 -4.66
CA PHE A 190 -8.85 -2.30 -3.71
C PHE A 190 -9.19 -1.25 -2.68
N ALA A 191 -8.67 -0.03 -2.82
CA ALA A 191 -9.00 1.00 -1.86
C ALA A 191 -10.46 1.41 -2.00
N LYS A 192 -11.10 1.71 -0.88
CA LYS A 192 -12.51 2.02 -0.89
C LYS A 192 -12.86 2.95 0.25
N ARG A 193 -13.79 3.86 -0.02
CA ARG A 193 -14.40 4.66 1.03
C ARG A 193 -15.43 3.81 1.78
N VAL A 194 -15.15 3.56 3.07
CA VAL A 194 -15.91 2.65 3.90
C VAL A 194 -16.05 3.31 5.26
N LYS A 195 -17.27 3.61 5.67
CA LYS A 195 -17.48 4.19 6.99
C LYS A 195 -17.40 3.14 8.11
N GLY A 196 -17.95 1.96 7.85
CA GLY A 196 -18.06 0.91 8.83
C GLY A 196 -17.62 -0.42 8.25
N ARG A 197 -18.57 -1.25 7.86
CA ARG A 197 -18.30 -2.58 7.31
C ARG A 197 -18.23 -2.54 5.78
N THR A 198 -17.48 -3.49 5.23
CA THR A 198 -17.56 -3.82 3.81
C THR A 198 -17.39 -5.33 3.69
N TRP A 199 -17.70 -5.88 2.51
CA TRP A 199 -17.85 -7.34 2.38
C TRP A 199 -17.03 -8.03 1.25
N TPO A 200 -16.37 -7.29 0.38
CA TPO A 200 -15.76 -7.92 -0.79
CB TPO A 200 -15.32 -6.86 -1.81
CG2 TPO A 200 -14.87 -7.52 -3.12
OG1 TPO A 200 -16.39 -5.98 -2.09
P TPO A 200 -16.18 -4.43 -1.68
O1P TPO A 200 -15.79 -4.48 -0.16
O2P TPO A 200 -17.59 -3.79 -1.90
O3P TPO A 200 -15.12 -3.84 -2.53
C TPO A 200 -14.60 -8.81 -0.40
O TPO A 200 -13.71 -8.41 0.36
H TPO A 200 -16.26 -6.43 0.43
HA TPO A 200 -16.44 -8.49 -1.22
HB TPO A 200 -14.49 -6.30 -1.38
HG21 TPO A 200 -14.66 -6.76 -3.86
HG22 TPO A 200 -15.67 -8.18 -3.48
HG23 TPO A 200 -13.97 -8.11 -2.94
N LEU A 201 -14.55 -10.00 -0.97
CA LEU A 201 -13.43 -10.91 -0.77
C LEU A 201 -12.31 -10.53 -1.73
N CYS A 202 -11.35 -9.75 -1.26
CA CYS A 202 -10.27 -9.29 -2.13
C CYS A 202 -9.05 -8.99 -1.27
N GLY A 203 -7.89 -9.00 -1.92
CA GLY A 203 -6.58 -8.75 -1.33
C GLY A 203 -5.58 -9.72 -1.91
N THR A 204 -4.50 -10.00 -1.15
CA THR A 204 -3.50 -10.95 -1.55
C THR A 204 -3.40 -12.01 -0.47
N PRO A 205 -3.42 -13.31 -0.82
CA PRO A 205 -3.63 -14.36 0.18
C PRO A 205 -2.81 -14.22 1.47
N GLU A 206 -1.49 -14.08 1.37
CA GLU A 206 -0.64 -14.05 2.57
C GLU A 206 -0.96 -12.89 3.50
N TYR A 207 -1.61 -11.84 3.01
CA TYR A 207 -1.87 -10.61 3.75
C TYR A 207 -3.31 -10.47 4.24
N LEU A 208 -4.19 -11.43 3.92
CA LEU A 208 -5.60 -11.33 4.29
C LEU A 208 -5.83 -11.58 5.77
N ALA A 209 -6.59 -10.70 6.40
CA ALA A 209 -7.03 -10.91 7.77
C ALA A 209 -8.01 -12.09 7.85
N PRO A 210 -8.07 -12.77 8.99
CA PRO A 210 -8.97 -13.93 9.09
C PRO A 210 -10.42 -13.57 8.78
N GLU A 211 -10.88 -12.38 9.18
CA GLU A 211 -12.28 -12.04 8.97
C GLU A 211 -12.63 -11.85 7.50
N ILE A 212 -11.65 -11.59 6.63
CA ILE A 212 -11.92 -11.59 5.20
C ILE A 212 -12.14 -13.02 4.72
N ILE A 213 -11.20 -13.91 5.08
CA ILE A 213 -11.30 -15.31 4.67
C ILE A 213 -12.58 -15.94 5.16
N LEU A 214 -13.06 -15.52 6.33
CA LEU A 214 -14.28 -16.06 6.93
C LEU A 214 -15.54 -15.32 6.46
N SER A 215 -15.42 -14.48 5.45
CA SER A 215 -16.61 -13.88 4.80
C SER A 215 -17.43 -13.03 5.77
N LYS A 216 -16.76 -12.27 6.63
CA LYS A 216 -17.46 -11.31 7.47
C LYS A 216 -17.62 -9.96 6.79
N GLY A 217 -18.50 -9.16 7.36
CA GLY A 217 -18.55 -7.74 7.07
C GLY A 217 -17.50 -7.02 7.88
N TYR A 218 -16.30 -6.91 7.33
CA TYR A 218 -15.11 -6.50 8.05
C TYR A 218 -14.91 -4.99 7.95
N ASN A 219 -13.87 -4.49 8.65
CA ASN A 219 -13.66 -3.05 8.74
C ASN A 219 -12.19 -2.69 8.49
N LYS A 220 -11.83 -1.45 8.78
N LYS A 220 -11.82 -1.45 8.79
CA LYS A 220 -10.49 -0.96 8.47
CA LYS A 220 -10.48 -0.98 8.45
C LYS A 220 -9.39 -1.66 9.25
C LYS A 220 -9.38 -1.73 9.22
N ALA A 221 -9.73 -2.43 10.28
CA ALA A 221 -8.73 -3.17 11.03
C ALA A 221 -8.03 -4.24 10.20
N VAL A 222 -8.59 -4.64 9.06
CA VAL A 222 -7.87 -5.57 8.17
C VAL A 222 -6.53 -4.99 7.76
N ASP A 223 -6.43 -3.66 7.63
CA ASP A 223 -5.17 -3.06 7.24
C ASP A 223 -4.13 -3.16 8.36
N TRP A 224 -4.55 -3.11 9.62
CA TRP A 224 -3.61 -3.27 10.72
C TRP A 224 -3.09 -4.70 10.83
N TRP A 225 -3.96 -5.69 10.56
CA TRP A 225 -3.49 -7.06 10.44
C TRP A 225 -2.43 -7.15 9.34
N ALA A 226 -2.72 -6.56 8.18
CA ALA A 226 -1.77 -6.60 7.06
C ALA A 226 -0.45 -5.94 7.43
N LEU A 227 -0.49 -4.86 8.23
CA LEU A 227 0.76 -4.26 8.71
C LEU A 227 1.57 -5.27 9.51
N GLY A 228 0.90 -6.05 10.35
CA GLY A 228 1.60 -7.10 11.07
C GLY A 228 2.29 -8.08 10.14
N VAL A 229 1.59 -8.49 9.08
CA VAL A 229 2.20 -9.40 8.10
C VAL A 229 3.42 -8.75 7.47
N LEU A 230 3.31 -7.47 7.07
CA LEU A 230 4.42 -6.79 6.41
C LEU A 230 5.62 -6.70 7.33
N ILE A 231 5.42 -6.26 8.58
CA ILE A 231 6.54 -6.12 9.51
C ILE A 231 7.21 -7.46 9.71
N TYR A 232 6.41 -8.51 9.91
CA TYR A 232 6.99 -9.85 10.05
C TYR A 232 7.82 -10.20 8.81
N GLU A 233 7.26 -10.01 7.62
CA GLU A 233 8.00 -10.40 6.42
C GLU A 233 9.27 -9.57 6.26
N MET A 234 9.20 -8.26 6.50
CA MET A 234 10.41 -7.44 6.41
C MET A 234 11.49 -7.93 7.35
N ALA A 235 11.13 -8.30 8.58
CA ALA A 235 12.12 -8.64 9.58
C ALA A 235 12.56 -10.11 9.51
N ALA A 236 11.72 -10.99 8.96
CA ALA A 236 12.04 -12.42 8.84
C ALA A 236 12.57 -12.80 7.48
N GLY A 237 12.07 -12.15 6.41
CA GLY A 237 12.35 -12.49 5.03
C GLY A 237 11.28 -13.32 4.37
N TYR A 238 10.29 -13.76 5.14
CA TYR A 238 9.17 -14.56 4.66
C TYR A 238 7.98 -14.20 5.56
N PRO A 239 6.76 -14.36 5.09
CA PRO A 239 5.59 -13.94 5.86
C PRO A 239 5.19 -14.99 6.89
N PRO A 240 4.30 -14.62 7.82
CA PRO A 240 4.00 -15.52 8.96
C PRO A 240 3.14 -16.71 8.60
N PHE A 241 2.37 -16.62 7.52
CA PHE A 241 1.48 -17.68 7.07
C PHE A 241 1.91 -18.01 5.64
N PHE A 242 2.68 -19.07 5.49
CA PHE A 242 3.54 -19.31 4.34
C PHE A 242 3.27 -20.73 3.86
N ALA A 243 2.79 -20.88 2.64
CA ALA A 243 2.49 -22.18 2.06
C ALA A 243 2.36 -22.04 0.55
N ASP A 244 2.41 -23.17 -0.14
CA ASP A 244 2.53 -23.11 -1.59
C ASP A 244 1.22 -22.69 -2.25
N GLN A 245 0.07 -23.03 -1.66
CA GLN A 245 -1.21 -22.76 -2.30
C GLN A 245 -2.11 -21.92 -1.42
N PRO A 246 -2.90 -21.02 -2.02
CA PRO A 246 -3.80 -20.17 -1.20
C PRO A 246 -4.63 -20.93 -0.17
N ILE A 247 -5.22 -22.08 -0.51
CA ILE A 247 -6.06 -22.74 0.47
C ILE A 247 -5.28 -23.09 1.74
N GLN A 248 -4.02 -23.50 1.58
CA GLN A 248 -3.20 -23.82 2.76
C GLN A 248 -2.82 -22.54 3.52
N ILE A 249 -2.58 -21.45 2.79
CA ILE A 249 -2.31 -20.16 3.42
C ILE A 249 -3.49 -19.76 4.30
N TYR A 250 -4.72 -19.87 3.76
CA TYR A 250 -5.92 -19.47 4.50
C TYR A 250 -6.08 -20.28 5.77
N GLU A 251 -5.85 -21.60 5.69
CA GLU A 251 -5.97 -22.42 6.90
C GLU A 251 -5.01 -21.95 7.99
N LYS A 252 -3.77 -21.59 7.61
CA LYS A 252 -2.82 -21.07 8.60
C LYS A 252 -3.29 -19.75 9.19
N ILE A 253 -3.83 -18.86 8.36
CA ILE A 253 -4.26 -17.56 8.87
C ILE A 253 -5.38 -17.72 9.89
N VAL A 254 -6.36 -18.58 9.59
CA VAL A 254 -7.54 -18.70 10.44
C VAL A 254 -7.21 -19.39 11.75
N SER A 255 -6.23 -20.30 11.73
CA SER A 255 -5.76 -20.85 12.99
C SER A 255 -5.20 -19.73 13.86
N GLY A 256 -4.54 -18.76 13.24
CA GLY A 256 -3.93 -17.64 13.94
C GLY A 256 -2.62 -17.94 14.61
N LYS A 257 -2.18 -19.20 14.64
CA LYS A 257 -0.93 -19.52 15.30
C LYS A 257 0.21 -18.87 14.54
N VAL A 258 1.03 -18.09 15.24
CA VAL A 258 2.22 -17.48 14.65
C VAL A 258 3.43 -17.94 15.42
N ARG A 259 4.47 -18.33 14.68
CA ARG A 259 5.77 -18.63 15.24
C ARG A 259 6.76 -17.59 14.73
N PHE A 260 7.72 -17.23 15.57
CA PHE A 260 8.63 -16.16 15.29
C PHE A 260 10.07 -16.66 15.20
N PRO A 261 10.88 -16.10 14.30
CA PRO A 261 12.30 -16.44 14.30
C PRO A 261 12.94 -16.12 15.64
N SER A 262 13.95 -16.90 16.00
CA SER A 262 14.63 -16.68 17.28
C SER A 262 15.37 -15.36 17.34
N HIS A 263 15.64 -14.72 16.21
CA HIS A 263 16.30 -13.43 16.24
C HIS A 263 15.35 -12.26 16.45
N PHE A 264 14.03 -12.46 16.41
CA PHE A 264 13.11 -11.35 16.68
C PHE A 264 13.24 -10.90 18.13
N SER A 265 13.29 -9.59 18.34
CA SER A 265 13.30 -9.04 19.69
C SER A 265 11.96 -9.28 20.38
N SER A 266 11.98 -9.25 21.71
N SER A 266 11.98 -9.25 21.71
CA SER A 266 10.74 -9.39 22.47
CA SER A 266 10.75 -9.38 22.49
C SER A 266 9.78 -8.26 22.15
C SER A 266 9.78 -8.26 22.17
N ASP A 267 10.29 -7.04 21.99
CA ASP A 267 9.43 -5.91 21.63
C ASP A 267 8.72 -6.17 20.31
N LEU A 268 9.45 -6.69 19.33
CA LEU A 268 8.84 -6.95 18.03
C LEU A 268 7.77 -8.03 18.15
N LYS A 269 8.08 -9.13 18.85
CA LYS A 269 7.08 -10.19 19.01
C LYS A 269 5.83 -9.67 19.69
N ASP A 270 5.97 -8.82 20.71
CA ASP A 270 4.79 -8.29 21.38
C ASP A 270 3.95 -7.45 20.43
N LEU A 271 4.58 -6.58 19.66
CA LEU A 271 3.83 -5.79 18.69
C LEU A 271 3.10 -6.71 17.71
N LEU A 272 3.81 -7.70 17.17
CA LEU A 272 3.20 -8.56 16.15
C LEU A 272 2.06 -9.38 16.71
N ARG A 273 2.16 -9.84 17.96
CA ARG A 273 1.03 -10.59 18.53
C ARG A 273 -0.21 -9.71 18.68
N ASN A 274 -0.01 -8.41 18.84
CA ASN A 274 -1.12 -7.50 18.99
C ASN A 274 -1.68 -7.00 17.66
N LEU A 275 -0.90 -7.06 16.58
CA LEU A 275 -1.42 -6.78 15.24
C LEU A 275 -2.02 -8.03 14.59
N LEU A 276 -1.33 -9.16 14.70
CA LEU A 276 -1.79 -10.44 14.16
C LEU A 276 -2.72 -11.13 15.16
N GLN A 277 -3.73 -10.39 15.56
CA GLN A 277 -4.67 -10.78 16.60
C GLN A 277 -6.01 -11.11 15.96
N VAL A 278 -6.45 -12.35 16.11
N VAL A 278 -6.43 -12.35 16.09
CA VAL A 278 -7.70 -12.74 15.45
CA VAL A 278 -7.70 -12.78 15.50
C VAL A 278 -8.91 -12.12 16.14
C VAL A 278 -8.86 -12.00 16.12
N ASP A 279 -8.81 -11.80 17.42
CA ASP A 279 -9.93 -11.22 18.18
C ASP A 279 -9.94 -9.72 17.93
N LEU A 280 -10.94 -9.23 17.20
CA LEU A 280 -11.00 -7.81 16.86
C LEU A 280 -11.12 -6.92 18.09
N THR A 281 -11.63 -7.45 19.21
CA THR A 281 -11.73 -6.64 20.43
C THR A 281 -10.38 -6.42 21.08
N LYS A 282 -9.33 -7.07 20.57
CA LYS A 282 -7.99 -6.98 21.12
C LYS A 282 -6.96 -6.51 20.11
N ARG A 283 -7.30 -6.37 18.83
CA ARG A 283 -6.30 -6.04 17.82
C ARG A 283 -5.90 -4.56 17.88
N PHE A 284 -4.59 -4.30 17.95
CA PHE A 284 -4.12 -2.93 17.91
C PHE A 284 -4.54 -2.25 16.62
N GLY A 285 -4.89 -0.97 16.74
CA GLY A 285 -5.46 -0.21 15.68
C GLY A 285 -6.96 -0.27 15.66
N ASN A 286 -7.56 -1.17 16.45
CA ASN A 286 -9.00 -1.32 16.53
C ASN A 286 -9.57 -1.04 17.91
N LEU A 287 -8.79 -0.49 18.83
CA LEU A 287 -9.22 -0.30 20.20
C LEU A 287 -9.54 1.18 20.45
N LYS A 288 -9.97 1.48 21.69
CA LYS A 288 -10.35 2.83 22.06
C LYS A 288 -9.23 3.84 21.79
N ASN A 289 -7.99 3.44 22.06
N ASN A 289 -7.98 3.47 22.05
CA ASN A 289 -6.81 4.30 21.90
CA ASN A 289 -6.88 4.41 21.86
C ASN A 289 -6.35 4.40 20.44
C ASN A 289 -6.35 4.40 20.43
N GLY A 290 -7.02 3.70 19.53
CA GLY A 290 -6.74 3.84 18.10
C GLY A 290 -5.29 3.62 17.73
N VAL A 291 -4.80 4.47 16.83
CA VAL A 291 -3.46 4.29 16.27
C VAL A 291 -2.40 4.49 17.35
N ASN A 292 -2.74 5.16 18.44
CA ASN A 292 -1.75 5.41 19.48
C ASN A 292 -1.26 4.15 20.17
N ASP A 293 -2.04 3.08 20.18
CA ASP A 293 -1.51 1.83 20.73
C ASP A 293 -0.31 1.37 19.93
N ILE A 294 -0.33 1.62 18.61
CA ILE A 294 0.80 1.25 17.77
C ILE A 294 1.94 2.25 17.92
N LYS A 295 1.63 3.55 17.79
CA LYS A 295 2.69 4.56 17.77
C LYS A 295 3.43 4.62 19.08
N ASN A 296 2.76 4.29 20.19
CA ASN A 296 3.36 4.37 21.52
C ASN A 296 3.92 3.02 21.99
N HIS A 297 3.90 2.00 21.14
CA HIS A 297 4.44 0.70 21.53
C HIS A 297 5.96 0.78 21.68
N LYS A 298 6.51 -0.03 22.59
CA LYS A 298 7.96 -0.05 22.82
C LYS A 298 8.78 -0.27 21.55
N TRP A 299 8.29 -1.06 20.59
CA TRP A 299 9.10 -1.29 19.40
C TRP A 299 9.34 -0.02 18.61
N PHE A 300 8.43 0.95 18.74
CA PHE A 300 8.55 2.25 18.09
C PHE A 300 9.09 3.34 19.01
N ALA A 301 9.66 2.99 20.17
CA ALA A 301 10.09 4.01 21.13
C ALA A 301 11.14 4.95 20.56
N THR A 302 12.00 4.48 19.66
CA THR A 302 13.02 5.33 19.03
C THR A 302 12.50 6.10 17.83
N THR A 303 11.24 5.95 17.45
CA THR A 303 10.69 6.58 16.26
C THR A 303 10.23 8.00 16.57
N ASP A 304 10.78 8.97 15.84
CA ASP A 304 10.35 10.36 15.86
C ASP A 304 9.32 10.53 14.75
N TRP A 305 8.04 10.44 15.14
CA TRP A 305 6.96 10.37 14.16
C TRP A 305 6.92 11.63 13.28
N ILE A 306 7.09 12.81 13.88
CA ILE A 306 7.10 14.03 13.08
C ILE A 306 8.28 14.05 12.12
N ALA A 307 9.45 13.61 12.58
CA ALA A 307 10.61 13.61 11.69
C ALA A 307 10.42 12.65 10.52
N ILE A 308 9.76 11.51 10.74
CA ILE A 308 9.44 10.61 9.63
C ILE A 308 8.51 11.31 8.64
N TYR A 309 7.43 11.92 9.15
CA TYR A 309 6.50 12.65 8.27
C TYR A 309 7.21 13.73 7.48
N GLN A 310 8.14 14.47 8.12
CA GLN A 310 8.90 15.54 7.48
C GLN A 310 10.02 15.02 6.59
N ARG A 311 10.25 13.71 6.57
CA ARG A 311 11.28 13.09 5.74
C ARG A 311 12.68 13.58 6.13
N LYS A 312 12.87 13.82 7.43
CA LYS A 312 14.14 14.31 7.95
C LYS A 312 14.99 13.24 8.60
N VAL A 313 14.51 12.01 8.69
CA VAL A 313 15.31 10.90 9.19
C VAL A 313 16.15 10.35 8.05
N GLU A 314 17.42 10.09 8.31
CA GLU A 314 18.28 9.52 7.28
C GLU A 314 17.82 8.09 7.01
N ALA A 315 17.55 7.80 5.74
CA ALA A 315 17.05 6.49 5.38
C ALA A 315 18.15 5.43 5.46
N PRO A 316 17.77 4.19 5.73
CA PRO A 316 18.79 3.12 5.84
C PRO A 316 19.39 2.71 4.51
N PHE A 317 18.72 3.01 3.40
CA PHE A 317 19.15 2.55 2.10
C PHE A 317 18.71 3.58 1.07
N ILE A 318 19.64 4.02 0.23
CA ILE A 318 19.37 4.98 -0.84
C ILE A 318 19.60 4.25 -2.16
N PRO A 319 18.58 4.09 -2.99
CA PRO A 319 18.80 3.38 -4.25
C PRO A 319 19.82 4.11 -5.10
N LYS A 320 20.55 3.34 -5.90
CA LYS A 320 21.41 3.94 -6.90
C LYS A 320 20.53 4.58 -7.96
N PHE A 321 20.80 5.84 -8.27
CA PHE A 321 20.03 6.62 -9.24
C PHE A 321 20.95 6.93 -10.41
N LYS A 322 20.55 6.45 -11.59
CA LYS A 322 21.38 6.50 -12.79
C LYS A 322 20.69 7.28 -13.90
N GLY A 323 19.91 8.30 -13.56
CA GLY A 323 19.26 9.13 -14.54
C GLY A 323 17.75 9.02 -14.45
N PRO A 324 17.04 10.01 -15.01
CA PRO A 324 15.59 10.12 -14.76
C PRO A 324 14.75 9.00 -15.39
N GLY A 325 15.23 8.38 -16.47
CA GLY A 325 14.54 7.28 -17.12
C GLY A 325 15.18 5.94 -16.90
N ASP A 326 16.13 5.83 -15.97
CA ASP A 326 16.80 4.57 -15.72
C ASP A 326 15.84 3.61 -15.03
N THR A 327 15.88 2.35 -15.46
CA THR A 327 15.02 1.30 -14.94
C THR A 327 15.81 0.15 -14.34
N SER A 328 17.08 0.38 -13.97
N SER A 328 17.07 0.40 -13.96
CA SER A 328 17.94 -0.71 -13.50
CA SER A 328 17.95 -0.67 -13.47
C SER A 328 17.46 -1.36 -12.21
C SER A 328 17.38 -1.40 -12.26
N ASN A 329 16.57 -0.73 -11.44
CA ASN A 329 16.07 -1.30 -10.21
C ASN A 329 14.80 -2.13 -10.39
N PHE A 330 14.39 -2.37 -11.64
CA PHE A 330 13.21 -3.15 -11.95
C PHE A 330 13.57 -4.37 -12.80
N ASP A 331 12.77 -5.42 -12.67
CA ASP A 331 12.92 -6.62 -13.48
C ASP A 331 12.41 -6.40 -14.90
N ASP A 332 12.82 -7.31 -15.78
CA ASP A 332 12.36 -7.33 -17.17
C ASP A 332 11.12 -8.19 -17.28
N TYR A 333 10.18 -7.71 -18.08
CA TYR A 333 8.94 -8.42 -18.37
C TYR A 333 8.77 -8.50 -19.86
N GLU A 334 8.03 -9.52 -20.31
CA GLU A 334 7.66 -9.61 -21.71
C GLU A 334 6.84 -8.40 -22.12
N GLU A 335 7.21 -7.78 -23.25
CA GLU A 335 6.54 -6.59 -23.74
C GLU A 335 5.42 -6.98 -24.70
N GLU A 336 4.30 -6.27 -24.61
CA GLU A 336 3.14 -6.51 -25.47
C GLU A 336 2.63 -5.17 -25.99
N GLU A 337 2.50 -5.05 -27.30
CA GLU A 337 2.08 -3.79 -27.90
C GLU A 337 0.70 -3.40 -27.38
N ILE A 338 0.49 -2.10 -27.21
CA ILE A 338 -0.78 -1.58 -26.69
C ILE A 338 -1.75 -1.47 -27.87
N ARG A 339 -2.68 -2.43 -27.95
CA ARG A 339 -3.65 -2.48 -29.04
C ARG A 339 -4.88 -1.64 -28.68
N VAL A 340 -5.25 -0.74 -29.59
CA VAL A 340 -6.44 0.10 -29.42
C VAL A 340 -7.45 -0.17 -30.55
N SEP A 341 -8.52 -0.87 -30.21
CA SEP A 341 -9.56 -1.23 -31.17
CB SEP A 341 -10.64 -2.05 -30.45
OG SEP A 341 -11.76 -2.32 -31.29
C SEP A 341 -10.18 -0.01 -31.83
O SEP A 341 -10.15 1.09 -31.28
P SEP A 341 -11.52 -3.62 -32.20
O1P SEP A 341 -10.63 -4.72 -31.44
O2P SEP A 341 -10.77 -3.16 -33.56
O3P SEP A 341 -12.97 -4.25 -32.50
H SEP A 341 -8.69 -1.15 -29.41
HA SEP A 341 -9.17 -1.78 -31.88
HB2 SEP A 341 -10.95 -1.55 -29.67
HB3 SEP A 341 -10.26 -2.90 -30.17
N ILE A 342 -10.71 -0.18 -33.05
CA ILE A 342 -11.40 0.89 -33.74
C ILE A 342 -12.83 1.07 -33.21
N ASN A 343 -13.28 0.13 -32.38
CA ASN A 343 -14.61 0.14 -31.80
C ASN A 343 -14.51 0.33 -30.30
N GLU A 344 -15.34 1.22 -29.75
CA GLU A 344 -15.34 1.43 -28.31
C GLU A 344 -15.87 0.21 -27.59
N LYS A 345 -15.18 -0.18 -26.52
CA LYS A 345 -15.61 -1.29 -25.68
C LYS A 345 -16.06 -0.76 -24.33
N CYS A 346 -17.17 -1.29 -23.83
CA CYS A 346 -17.61 -1.06 -22.45
C CYS A 346 -17.79 0.41 -22.13
N GLY A 347 -18.37 1.17 -23.08
CA GLY A 347 -18.54 2.60 -22.86
C GLY A 347 -19.43 2.93 -21.68
N LYS A 348 -20.56 2.22 -21.57
CA LYS A 348 -21.50 2.52 -20.49
C LYS A 348 -20.92 2.21 -19.12
N GLU A 349 -20.14 1.12 -19.02
CA GLU A 349 -19.60 0.71 -17.72
C GLU A 349 -18.62 1.73 -17.16
N PHE A 350 -17.89 2.44 -18.02
CA PHE A 350 -16.78 3.28 -17.57
C PHE A 350 -17.02 4.77 -17.83
N THR A 351 -18.29 5.20 -17.92
CA THR A 351 -18.58 6.60 -18.22
C THR A 351 -17.97 7.53 -17.19
N GLU A 352 -17.93 7.11 -15.92
CA GLU A 352 -17.45 7.98 -14.85
C GLU A 352 -15.92 8.06 -14.78
N PHE A 353 -15.19 7.20 -15.49
CA PHE A 353 -13.74 7.21 -15.38
C PHE A 353 -13.17 8.38 -16.18
N ALA B 3 7.90 -24.32 3.26
CA ALA B 3 7.71 -24.16 1.82
C ALA B 3 6.61 -23.13 1.58
N GLY B 4 6.83 -22.22 0.64
CA GLY B 4 5.84 -21.19 0.35
C GLY B 4 6.29 -20.36 -0.84
N ARG B 5 5.50 -19.34 -1.15
CA ARG B 5 5.65 -18.60 -2.39
C ARG B 5 6.70 -17.50 -2.22
N THR B 6 7.76 -17.56 -3.03
CA THR B 6 8.84 -16.58 -2.96
C THR B 6 8.76 -15.52 -4.06
N GLY B 7 7.96 -15.75 -5.09
CA GLY B 7 7.83 -14.80 -6.18
C GLY B 7 6.74 -13.77 -5.91
N ARG B 8 6.60 -12.85 -6.84
CA ARG B 8 5.55 -11.84 -6.74
C ARG B 8 4.18 -12.50 -6.63
N ARG B 9 3.35 -11.95 -5.76
CA ARG B 9 2.07 -12.55 -5.41
C ARG B 9 0.95 -11.69 -5.99
N GLN B 10 0.09 -12.31 -6.78
CA GLN B 10 -1.01 -11.60 -7.40
C GLN B 10 -2.18 -11.46 -6.44
N ALA B 11 -2.89 -10.35 -6.58
CA ALA B 11 -4.12 -10.16 -5.86
C ALA B 11 -5.17 -11.17 -6.30
N ILE B 12 -6.11 -11.42 -5.40
CA ILE B 12 -7.29 -12.22 -5.67
C ILE B 12 -8.51 -11.32 -5.59
N HIS B 13 -9.51 -11.63 -6.42
CA HIS B 13 -10.73 -10.86 -6.53
C HIS B 13 -11.91 -11.58 -5.90
N ASP B 14 -11.73 -12.83 -5.48
CA ASP B 14 -12.79 -13.60 -4.84
C ASP B 14 -12.12 -14.80 -4.15
N ILE B 15 -12.88 -15.49 -3.30
CA ILE B 15 -12.45 -16.76 -2.72
C ILE B 15 -13.58 -17.76 -2.94
N LEU B 16 -13.32 -18.79 -3.74
CA LEU B 16 -14.37 -19.74 -4.10
C LEU B 16 -14.60 -20.78 -3.00
O1 7CT C . 5.85 -1.00 -11.75
C7 7CT C . 6.68 1.65 -10.71
C8 7CT C . 7.47 2.75 -10.65
C9 7CT C . 5.74 4.13 -10.09
N1 7CT C . 7.03 3.98 -10.34
N 7CT C . 5.62 -1.45 -9.35
C2 7CT C . 3.03 0.90 -10.12
C3 7CT C . 2.57 2.18 -9.87
C4 7CT C . 3.42 3.25 -9.86
O 7CT C . 3.68 -1.77 -10.83
C5 7CT C . 4.80 3.06 -10.12
C6 7CT C . 5.29 1.77 -10.42
C1 7CT C . 4.36 0.69 -10.41
C 7CT C . 4.83 -1.80 -8.18
S 7CT C . 4.87 -0.98 -10.70
#